data_4IE0
#
_entry.id   4IE0
#
_cell.length_a   142.168
_cell.length_b   142.168
_cell.length_c   83.705
_cell.angle_alpha   90.000
_cell.angle_beta   90.000
_cell.angle_gamma   120.000
#
_symmetry.space_group_name_H-M   'H 3'
#
loop_
_entity.id
_entity.type
_entity.pdbx_description
1 polymer 'Alpha-ketoglutarate-dependent dioxygenase FTO'
2 non-polymer 'ZINC ION'
3 non-polymer GLYCEROL
4 non-polymer 'PYRIDINE-2,4-DICARBOXYLIC ACID'
5 water water
#
_entity_poly.entity_id   1
_entity_poly.type   'polypeptide(L)'
_entity_poly.pdbx_seq_one_letter_code
;MGSSHHHHHHSSGLVPRGSHMTPKDDEFYQQWQLKYPKLILREASSVSEELHKEVQEAFLTLHKHGCLFRDLVRIQGKDL
LTPVSRILIGNPGCTYKYLNTRLFTVPWPVKGSNIKHTEAEIAAACETFLKLNDYLQIETIQALEELAAKEKANEDAVPL
CMSADFPRVGMGSSYNGQDEVDIKSRAAYNVTLLNFMDPQKMPYLKEEPYFGMGKMAVSWHHDENLVDRSAVAVYSYSCE
GPEEESEDDSHLEGRDPDIWHVGFKISWDIETPGLAIPLHQGDCYFMLDDLNATHQHCVLAGSQPRFSSTHRVAECSTGT
LDYILQRCQLALQNVCDDVDNDDVSLKSFEPAVLKQGEEIHNEVEFEWLRQFWFQGNRYRKCTDWWCQPMAQLEALWKKM
EGVTNAVLHEVKREGLPVEQRNEILTAILASLTARQNLRREWHARCQSRIARTLPADQKPECRPYWEKDDASMPLPFDLT
DIVSELRGQLLEAKP
;
_entity_poly.pdbx_strand_id   A
#
# COMPACT_ATOMS: atom_id res chain seq x y z
N ARG A 17 14.45 27.02 21.16
CA ARG A 17 13.17 26.63 20.58
C ARG A 17 13.31 26.08 19.16
N GLY A 18 12.33 25.28 18.75
CA GLY A 18 12.31 24.74 17.39
C GLY A 18 11.84 25.77 16.39
N SER A 19 12.52 25.85 15.26
CA SER A 19 12.19 26.81 14.21
C SER A 19 12.30 26.19 12.81
N HIS A 20 11.70 26.85 11.83
CA HIS A 20 11.85 26.39 10.47
C HIS A 20 12.26 27.54 9.56
N MET A 21 12.68 27.22 8.34
CA MET A 21 13.06 28.24 7.39
C MET A 21 12.25 28.07 6.12
N THR A 22 12.04 29.20 5.47
CA THR A 22 11.41 29.26 4.20
C THR A 22 12.21 30.23 3.32
N PRO A 23 11.86 30.34 2.03
CA PRO A 23 12.65 31.26 1.18
C PRO A 23 12.76 32.68 1.73
N LYS A 24 12.01 32.99 2.77
CA LYS A 24 12.12 34.31 3.42
C LYS A 24 13.41 34.50 4.22
N ASP A 25 14.11 33.42 4.54
CA ASP A 25 15.29 33.53 5.39
C ASP A 25 16.52 33.39 4.51
N ASP A 26 17.58 34.11 4.88
CA ASP A 26 18.82 34.13 4.11
C ASP A 26 19.54 32.80 4.26
N GLU A 27 19.42 32.21 5.45
CA GLU A 27 20.01 30.90 5.73
C GLU A 27 19.33 29.78 4.95
N PHE A 28 18.10 30.02 4.52
CA PHE A 28 17.30 28.97 3.89
C PHE A 28 18.07 28.25 2.79
N TYR A 29 18.54 28.99 1.80
CA TYR A 29 19.22 28.40 0.66
C TYR A 29 20.50 27.66 1.01
N GLN A 30 21.24 28.18 1.99
CA GLN A 30 22.49 27.55 2.34
C GLN A 30 22.24 26.34 3.23
N GLN A 31 21.16 26.37 4.00
CA GLN A 31 20.76 25.22 4.79
C GLN A 31 20.25 24.14 3.83
N TRP A 32 19.67 24.57 2.71
CA TRP A 32 19.18 23.65 1.70
C TRP A 32 20.40 22.97 1.07
N GLN A 33 21.39 23.77 0.67
CA GLN A 33 22.53 23.30 -0.08
C GLN A 33 23.37 22.38 0.78
N LEU A 34 23.49 22.71 2.05
CA LEU A 34 24.37 21.97 2.95
C LEU A 34 23.76 20.70 3.51
N LYS A 35 22.48 20.72 3.87
CA LYS A 35 21.92 19.59 4.61
C LYS A 35 20.70 18.89 3.98
N TYR A 36 20.29 19.33 2.80
CA TYR A 36 19.24 18.67 2.01
C TYR A 36 19.58 18.81 0.53
N PRO A 37 20.84 18.58 0.17
CA PRO A 37 21.19 18.65 -1.25
C PRO A 37 20.54 17.56 -2.14
N LYS A 38 19.88 16.56 -1.55
CA LYS A 38 19.24 15.53 -2.37
C LYS A 38 17.77 15.82 -2.52
N LEU A 39 17.39 17.03 -2.14
CA LEU A 39 16.02 17.50 -2.34
C LEU A 39 16.04 18.46 -3.51
N ILE A 40 15.32 18.10 -4.58
CA ILE A 40 15.32 18.93 -5.76
C ILE A 40 13.94 19.55 -6.01
N LEU A 41 13.92 20.77 -6.49
CA LEU A 41 12.67 21.46 -6.73
C LEU A 41 12.69 21.96 -8.16
N ARG A 42 11.69 21.55 -8.94
CA ARG A 42 11.51 22.09 -10.27
C ARG A 42 10.19 22.84 -10.29
N GLU A 43 10.25 24.16 -10.42
CA GLU A 43 9.05 24.97 -10.42
C GLU A 43 8.16 24.68 -11.63
N ALA A 44 6.91 25.07 -11.53
CA ALA A 44 5.93 24.79 -12.58
C ALA A 44 6.46 25.17 -13.96
N SER A 45 7.22 26.27 -14.01
CA SER A 45 7.78 26.81 -15.24
C SER A 45 8.56 25.80 -16.06
N SER A 46 9.25 24.89 -15.39
CA SER A 46 10.06 23.90 -16.08
C SER A 46 9.20 22.81 -16.73
N VAL A 47 7.89 22.83 -16.49
CA VAL A 47 7.00 21.78 -17.02
C VAL A 47 6.11 22.35 -18.12
N SER A 48 6.13 21.72 -19.28
CA SER A 48 5.32 22.17 -20.40
C SER A 48 3.89 22.46 -19.93
N GLU A 49 3.27 23.46 -20.55
CA GLU A 49 1.94 23.91 -20.16
C GLU A 49 0.87 22.90 -20.55
N GLU A 50 1.09 22.20 -21.66
CA GLU A 50 0.13 21.21 -22.12
C GLU A 50 0.08 20.03 -21.15
N LEU A 51 1.22 19.74 -20.54
CA LEU A 51 1.26 18.68 -19.55
C LEU A 51 0.54 19.11 -18.28
N HIS A 52 0.69 20.39 -17.92
CA HIS A 52 -0.06 20.95 -16.80
C HIS A 52 -1.55 20.78 -17.05
N LYS A 53 -1.98 21.07 -18.27
CA LYS A 53 -3.41 21.01 -18.60
C LYS A 53 -3.94 19.59 -18.46
N GLU A 54 -3.28 18.65 -19.10
CA GLU A 54 -3.75 17.26 -19.11
C GLU A 54 -3.78 16.67 -17.70
N VAL A 55 -2.75 17.00 -16.91
CA VAL A 55 -2.59 16.45 -15.57
C VAL A 55 -3.61 17.01 -14.59
N GLN A 56 -3.85 18.31 -14.65
CA GLN A 56 -4.79 18.97 -13.75
C GLN A 56 -6.21 18.55 -14.07
N GLU A 57 -6.54 18.53 -15.36
CA GLU A 57 -7.83 18.01 -15.82
C GLU A 57 -8.03 16.57 -15.34
N ALA A 58 -6.99 15.75 -15.43
CA ALA A 58 -7.09 14.35 -14.99
C ALA A 58 -7.43 14.25 -13.49
N PHE A 59 -6.76 15.06 -12.67
CA PHE A 59 -7.08 15.11 -11.24
C PHE A 59 -8.57 15.41 -11.06
N LEU A 60 -9.01 16.54 -11.61
CA LEU A 60 -10.39 16.99 -11.43
C LEU A 60 -11.40 15.95 -11.91
N THR A 61 -11.08 15.23 -12.98
CA THR A 61 -12.00 14.25 -13.54
C THR A 61 -12.12 13.03 -12.61
N LEU A 62 -11.00 12.63 -11.99
CA LEU A 62 -11.01 11.55 -11.00
C LEU A 62 -11.79 11.92 -9.74
N HIS A 63 -11.68 13.18 -9.33
CA HIS A 63 -12.44 13.69 -8.20
C HIS A 63 -13.92 13.74 -8.54
N LYS A 64 -14.24 14.14 -9.76
CA LYS A 64 -15.65 14.29 -10.15
C LYS A 64 -16.35 12.92 -10.14
N HIS A 65 -15.62 11.88 -10.48
CA HIS A 65 -16.17 10.51 -10.54
C HIS A 65 -16.19 9.81 -9.18
N GLY A 66 -15.64 10.47 -8.15
CA GLY A 66 -15.59 9.91 -6.81
C GLY A 66 -14.53 8.83 -6.65
N CYS A 67 -13.40 8.99 -7.33
CA CYS A 67 -12.40 7.94 -7.35
C CYS A 67 -11.41 7.95 -6.17
N LEU A 68 -11.36 9.04 -5.41
CA LEU A 68 -10.41 9.13 -4.30
C LEU A 68 -11.07 8.87 -2.95
N PHE A 69 -10.45 8.04 -2.11
CA PHE A 69 -11.06 7.69 -0.84
C PHE A 69 -10.10 7.85 0.34
N ARG A 70 -10.67 8.23 1.47
CA ARG A 70 -9.95 8.20 2.72
C ARG A 70 -9.81 6.73 3.12
N ASP A 71 -8.64 6.32 3.61
CA ASP A 71 -8.45 4.92 3.99
C ASP A 71 -8.60 4.71 5.48
N LEU A 72 -9.32 3.67 5.84
CA LEU A 72 -9.46 3.22 7.22
C LEU A 72 -8.21 2.44 7.61
N VAL A 73 -7.14 3.19 7.88
CA VAL A 73 -5.80 2.68 8.09
C VAL A 73 -5.67 2.20 9.53
N ARG A 74 -4.50 1.66 9.88
CA ARG A 74 -4.25 1.26 11.25
C ARG A 74 -2.90 1.79 11.72
N ILE A 75 -2.85 2.24 12.98
CA ILE A 75 -1.64 2.83 13.54
C ILE A 75 -1.55 2.56 15.04
N GLN A 76 -0.57 1.75 15.41
CA GLN A 76 -0.30 1.47 16.80
C GLN A 76 -1.56 1.07 17.51
N GLY A 77 -2.31 0.16 16.89
CA GLY A 77 -3.45 -0.48 17.52
C GLY A 77 -4.75 0.30 17.40
N LYS A 78 -4.77 1.28 16.51
CA LYS A 78 -5.91 2.19 16.41
C LYS A 78 -6.33 2.35 14.95
N ASP A 79 -7.63 2.30 14.70
CA ASP A 79 -8.16 2.51 13.36
C ASP A 79 -8.40 4.00 13.12
N LEU A 80 -7.77 4.52 12.07
CA LEU A 80 -7.81 5.95 11.79
C LEU A 80 -8.07 6.22 10.32
N LEU A 81 -9.09 7.04 10.08
CA LEU A 81 -9.42 7.50 8.75
C LEU A 81 -8.43 8.57 8.36
N THR A 82 -7.75 8.41 7.24
CA THR A 82 -6.87 9.44 6.75
C THR A 82 -7.63 10.74 6.43
N PRO A 83 -7.19 11.86 6.99
CA PRO A 83 -7.69 13.16 6.53
C PRO A 83 -7.66 13.25 5.02
N VAL A 84 -6.54 12.88 4.42
CA VAL A 84 -6.33 12.97 2.99
C VAL A 84 -7.13 11.86 2.35
N SER A 85 -7.53 12.00 1.10
CA SER A 85 -8.16 10.86 0.43
C SER A 85 -7.34 10.51 -0.80
N ARG A 86 -7.40 9.26 -1.20
CA ARG A 86 -6.40 8.80 -2.14
C ARG A 86 -6.89 7.80 -3.14
N ILE A 87 -6.09 7.66 -4.16
CA ILE A 87 -6.25 6.58 -5.09
C ILE A 87 -4.83 6.21 -5.47
N LEU A 88 -4.62 4.94 -5.76
CA LEU A 88 -3.33 4.46 -6.24
C LEU A 88 -3.48 3.99 -7.68
N ILE A 89 -2.70 4.58 -8.57
CA ILE A 89 -2.69 4.22 -9.98
C ILE A 89 -1.31 3.67 -10.35
N GLY A 90 -1.21 2.59 -11.12
CA GLY A 90 0.08 2.19 -11.64
C GLY A 90 0.07 0.91 -12.45
N ASN A 91 1.21 0.21 -12.49
CA ASN A 91 1.32 -1.03 -13.24
C ASN A 91 0.21 -2.00 -12.84
N PRO A 92 -0.37 -2.70 -13.84
CA PRO A 92 -1.43 -3.65 -13.49
C PRO A 92 -0.92 -4.80 -12.66
N GLY A 93 -1.69 -5.19 -11.66
CA GLY A 93 -1.36 -6.36 -10.85
C GLY A 93 -0.53 -5.99 -9.65
N CYS A 94 -0.19 -4.71 -9.55
CA CYS A 94 0.78 -4.25 -8.57
C CYS A 94 0.10 -3.66 -7.33
N THR A 95 0.65 -3.93 -6.15
CA THR A 95 0.12 -3.32 -4.93
C THR A 95 1.15 -2.43 -4.20
N TYR A 96 0.69 -1.69 -3.20
CA TYR A 96 1.55 -0.84 -2.39
C TYR A 96 0.95 -0.82 -0.99
N LYS A 97 1.62 -1.49 -0.07
CA LYS A 97 1.14 -1.57 1.29
C LYS A 97 1.70 -0.44 2.12
N TYR A 98 0.85 0.48 2.58
CA TYR A 98 1.25 1.42 3.62
C TYR A 98 0.25 1.44 4.80
N LEU A 99 0.80 1.61 5.99
CA LEU A 99 0.04 1.61 7.25
C LEU A 99 -0.85 0.37 7.41
N ASN A 100 -0.26 -0.77 7.06
CA ASN A 100 -0.89 -2.09 7.18
C ASN A 100 -2.08 -2.19 6.24
N THR A 101 -2.11 -1.34 5.23
CA THR A 101 -3.21 -1.35 4.30
C THR A 101 -2.62 -1.51 2.89
N ARG A 102 -3.11 -2.50 2.16
CA ARG A 102 -2.61 -2.83 0.85
C ARG A 102 -3.48 -2.14 -0.16
N LEU A 103 -2.95 -1.12 -0.80
CA LEU A 103 -3.65 -0.45 -1.89
C LEU A 103 -3.39 -1.21 -3.18
N PHE A 104 -4.44 -1.39 -3.97
CA PHE A 104 -4.37 -2.10 -5.22
C PHE A 104 -4.41 -1.08 -6.34
N THR A 105 -3.63 -1.26 -7.40
CA THR A 105 -3.54 -0.19 -8.39
C THR A 105 -4.82 -0.18 -9.22
N VAL A 106 -5.31 1.00 -9.58
CA VAL A 106 -6.15 1.01 -10.77
C VAL A 106 -5.15 1.14 -11.90
N PRO A 107 -5.19 0.21 -12.87
CA PRO A 107 -4.11 0.08 -13.84
C PRO A 107 -4.00 1.25 -14.78
N TRP A 108 -2.78 1.59 -15.18
CA TRP A 108 -2.57 2.54 -16.27
C TRP A 108 -2.09 1.77 -17.51
N PRO A 109 -2.19 2.40 -18.70
CA PRO A 109 -2.00 1.65 -19.95
C PRO A 109 -0.55 1.31 -20.25
N VAL A 110 0.12 0.61 -19.34
CA VAL A 110 1.48 0.20 -19.60
C VAL A 110 1.47 -0.79 -20.77
N LYS A 111 2.54 -0.76 -21.57
CA LYS A 111 2.64 -1.50 -22.82
C LYS A 111 2.19 -2.97 -22.73
N GLY A 112 1.76 -3.51 -23.86
CA GLY A 112 1.34 -4.90 -23.96
C GLY A 112 0.18 -5.25 -23.05
N SER A 113 -0.62 -4.23 -22.71
CA SER A 113 -1.75 -4.41 -21.82
C SER A 113 -3.03 -3.81 -22.41
N ASN A 114 -4.17 -4.28 -21.92
CA ASN A 114 -5.45 -3.70 -22.30
C ASN A 114 -6.42 -3.74 -21.11
N ILE A 115 -7.09 -2.62 -20.86
CA ILE A 115 -8.04 -2.51 -19.76
C ILE A 115 -9.42 -2.09 -20.26
N LYS A 116 -10.27 -3.08 -20.51
CA LYS A 116 -11.69 -2.84 -20.76
C LYS A 116 -12.40 -2.67 -19.42
N HIS A 117 -11.61 -2.57 -18.35
CA HIS A 117 -12.12 -2.56 -16.98
C HIS A 117 -12.46 -1.16 -16.46
N THR A 118 -11.77 -0.14 -16.97
CA THR A 118 -12.01 1.23 -16.52
C THR A 118 -12.96 1.98 -17.46
N GLU A 119 -13.45 3.14 -17.01
CA GLU A 119 -14.36 3.96 -17.80
C GLU A 119 -13.62 4.96 -18.66
N ALA A 120 -14.22 5.34 -19.79
CA ALA A 120 -13.59 6.21 -20.78
C ALA A 120 -12.75 7.33 -20.16
N GLU A 121 -13.39 8.19 -19.38
CA GLU A 121 -12.71 9.30 -18.74
C GLU A 121 -11.63 8.80 -17.76
N ILE A 122 -11.99 7.82 -16.93
CA ILE A 122 -11.07 7.32 -15.93
C ILE A 122 -9.86 6.68 -16.59
N ALA A 123 -10.08 5.95 -17.68
CA ALA A 123 -8.98 5.30 -18.38
C ALA A 123 -8.05 6.37 -18.96
N ALA A 124 -8.63 7.43 -19.49
CA ALA A 124 -7.86 8.55 -20.03
C ALA A 124 -7.05 9.23 -18.94
N ALA A 125 -7.60 9.26 -17.72
CA ALA A 125 -6.92 9.88 -16.60
C ALA A 125 -5.68 9.09 -16.19
N CYS A 126 -5.82 7.76 -16.14
CA CYS A 126 -4.68 6.89 -15.89
C CYS A 126 -3.63 7.00 -17.01
N GLU A 127 -4.10 7.15 -18.24
CA GLU A 127 -3.21 7.33 -19.37
C GLU A 127 -2.32 8.54 -19.08
N THR A 128 -2.97 9.66 -18.78
CA THR A 128 -2.28 10.89 -18.42
C THR A 128 -1.25 10.71 -17.28
N PHE A 129 -1.63 10.06 -16.19
CA PHE A 129 -0.68 9.86 -15.09
C PHE A 129 0.42 8.89 -15.48
N LEU A 130 0.21 8.12 -16.54
CA LEU A 130 1.29 7.36 -17.11
C LEU A 130 2.25 8.31 -17.80
N LYS A 131 1.70 9.26 -18.55
CA LYS A 131 2.51 10.21 -19.28
C LYS A 131 3.36 10.99 -18.29
N LEU A 132 2.73 11.36 -17.17
CA LEU A 132 3.37 12.17 -16.17
C LEU A 132 4.45 11.33 -15.51
N ASN A 133 4.13 10.06 -15.27
CA ASN A 133 5.10 9.13 -14.71
C ASN A 133 6.36 9.06 -15.58
N ASP A 134 6.18 9.01 -16.89
CA ASP A 134 7.33 8.91 -17.79
C ASP A 134 8.16 10.17 -17.73
N TYR A 135 7.48 11.31 -17.69
CA TYR A 135 8.15 12.60 -17.62
C TYR A 135 9.03 12.68 -16.36
N LEU A 136 8.46 12.29 -15.22
CA LEU A 136 9.13 12.47 -13.95
C LEU A 136 10.31 11.53 -13.89
N GLN A 137 10.13 10.34 -14.45
CA GLN A 137 11.19 9.36 -14.47
C GLN A 137 12.38 9.96 -15.20
N ILE A 138 12.13 10.56 -16.34
CA ILE A 138 13.20 11.19 -17.12
C ILE A 138 13.93 12.28 -16.31
N GLU A 139 13.16 13.15 -15.66
CA GLU A 139 13.75 14.19 -14.81
C GLU A 139 14.58 13.57 -13.67
N THR A 140 14.14 12.45 -13.14
CA THR A 140 14.75 11.88 -11.95
C THR A 140 16.09 11.28 -12.32
N ILE A 141 16.14 10.64 -13.48
CA ILE A 141 17.37 10.09 -13.99
C ILE A 141 18.36 11.22 -14.27
N GLN A 142 17.87 12.30 -14.87
CA GLN A 142 18.72 13.45 -15.18
C GLN A 142 19.31 13.99 -13.89
N ALA A 143 18.49 14.03 -12.84
CA ALA A 143 18.90 14.63 -11.58
C ALA A 143 19.87 13.70 -10.85
N LEU A 144 19.69 12.40 -10.99
CA LEU A 144 20.56 11.46 -10.30
C LEU A 144 21.89 11.41 -11.00
N GLU A 145 21.90 11.68 -12.30
CA GLU A 145 23.13 11.70 -13.07
C GLU A 145 23.93 12.94 -12.66
N GLU A 146 23.23 14.06 -12.52
CA GLU A 146 23.87 15.27 -12.04
C GLU A 146 24.43 15.06 -10.64
N LEU A 147 23.67 14.38 -9.79
CA LEU A 147 24.05 14.15 -8.41
C LEU A 147 25.36 13.36 -8.34
N ALA A 148 25.41 12.25 -9.06
CA ALA A 148 26.60 11.42 -9.13
C ALA A 148 27.80 12.20 -9.70
N ALA A 149 27.56 13.07 -10.67
CA ALA A 149 28.63 13.83 -11.30
C ALA A 149 29.26 14.79 -10.29
N LYS A 150 28.44 15.46 -9.48
CA LYS A 150 28.98 16.30 -8.43
C LYS A 150 29.87 15.44 -7.54
N GLU A 151 29.31 14.34 -7.04
CA GLU A 151 30.06 13.43 -6.20
C GLU A 151 31.21 12.82 -6.98
N LYS A 152 32.28 12.44 -6.29
CA LYS A 152 33.47 11.94 -6.96
C LYS A 152 34.27 13.11 -7.52
N ALA A 153 33.75 14.33 -7.36
CA ALA A 153 34.46 15.52 -7.77
C ALA A 153 34.83 16.40 -6.56
N ASP A 179 26.15 2.55 -10.81
CA ASP A 179 25.91 2.05 -12.16
C ASP A 179 24.75 2.81 -12.81
N GLU A 180 24.77 2.84 -14.14
CA GLU A 180 23.67 3.43 -14.92
C GLU A 180 22.36 2.70 -14.60
N VAL A 181 22.48 1.40 -14.34
CA VAL A 181 21.32 0.54 -14.13
C VAL A 181 20.73 0.71 -12.72
N ASP A 182 21.58 1.00 -11.75
CA ASP A 182 21.11 1.34 -10.41
C ASP A 182 20.29 2.63 -10.47
N ILE A 183 20.72 3.57 -11.30
CA ILE A 183 19.97 4.80 -11.45
C ILE A 183 18.64 4.49 -12.11
N LYS A 184 18.67 3.72 -13.19
CA LYS A 184 17.47 3.39 -13.96
C LYS A 184 16.43 2.75 -13.05
N SER A 185 16.89 1.90 -12.15
CA SER A 185 15.97 1.12 -11.32
C SER A 185 15.46 1.89 -10.13
N ARG A 186 16.24 2.83 -9.63
CA ARG A 186 15.78 3.69 -8.54
C ARG A 186 14.91 4.87 -9.00
N ALA A 187 14.75 5.02 -10.32
CA ALA A 187 13.81 5.99 -10.88
C ALA A 187 12.64 5.31 -11.60
N ALA A 188 12.56 3.99 -11.57
CA ALA A 188 11.56 3.27 -12.38
C ALA A 188 10.18 3.19 -11.71
N TYR A 189 9.49 4.33 -11.65
CA TYR A 189 8.23 4.44 -10.91
C TYR A 189 7.20 3.46 -11.44
N ASN A 190 6.69 2.60 -10.57
CA ASN A 190 5.70 1.61 -10.99
C ASN A 190 4.29 1.97 -10.53
N VAL A 191 4.20 3.00 -9.68
CA VAL A 191 2.92 3.46 -9.14
C VAL A 191 2.95 4.95 -8.83
N THR A 192 1.79 5.50 -8.53
CA THR A 192 1.67 6.84 -7.99
C THR A 192 0.51 6.84 -7.03
N LEU A 193 0.73 7.42 -5.85
CA LEU A 193 -0.35 7.58 -4.88
C LEU A 193 -0.85 9.02 -4.99
N LEU A 194 -2.06 9.18 -5.54
CA LEU A 194 -2.72 10.48 -5.61
C LEU A 194 -3.37 10.85 -4.28
N ASN A 195 -3.20 12.11 -3.88
CA ASN A 195 -3.83 12.68 -2.68
C ASN A 195 -4.73 13.85 -2.98
N PHE A 196 -5.84 13.93 -2.23
CA PHE A 196 -6.70 15.12 -2.27
C PHE A 196 -7.04 15.57 -0.86
N MET A 197 -6.91 16.87 -0.61
CA MET A 197 -7.51 17.42 0.59
C MET A 197 -8.02 18.83 0.39
N ASP A 198 -9.27 19.04 0.76
CA ASP A 198 -9.87 20.37 0.84
C ASP A 198 -9.92 20.76 2.31
N PRO A 199 -9.08 21.74 2.72
CA PRO A 199 -8.97 22.02 4.16
C PRO A 199 -10.22 22.69 4.72
N GLN A 200 -11.03 23.25 3.82
CA GLN A 200 -12.21 23.99 4.21
C GLN A 200 -13.38 23.06 4.53
N LYS A 201 -13.39 21.87 3.93
CA LYS A 201 -14.40 20.86 4.24
C LYS A 201 -13.77 19.76 5.07
N MET A 202 -12.49 19.95 5.41
CA MET A 202 -11.77 19.08 6.32
C MET A 202 -11.05 19.95 7.35
N PRO A 203 -11.81 20.49 8.31
CA PRO A 203 -11.31 21.41 9.34
C PRO A 203 -10.72 20.69 10.55
N TYR A 204 -10.10 19.54 10.33
CA TYR A 204 -9.67 18.70 11.45
C TYR A 204 -8.21 18.29 11.27
N LEU A 205 -7.32 19.25 11.53
CA LEU A 205 -5.90 19.12 11.23
C LEU A 205 -5.03 19.39 12.46
N LYS A 206 -4.18 18.42 12.77
CA LYS A 206 -3.21 18.55 13.84
C LYS A 206 -2.17 19.62 13.51
N GLU A 207 -1.70 20.35 14.52
CA GLU A 207 -0.56 21.24 14.31
C GLU A 207 0.84 20.54 14.39
N GLU A 208 1.71 20.90 13.46
CA GLU A 208 3.12 20.54 13.49
C GLU A 208 3.76 20.84 14.84
N PRO A 209 4.30 19.81 15.50
CA PRO A 209 4.65 19.93 16.91
C PRO A 209 6.09 20.29 17.24
N TYR A 210 6.98 20.43 16.27
CA TYR A 210 8.39 20.70 16.59
C TYR A 210 8.92 22.06 16.14
N PHE A 211 8.43 22.58 15.02
CA PHE A 211 9.02 23.77 14.40
C PHE A 211 8.00 24.90 14.16
N GLY A 212 6.79 24.77 14.68
CA GLY A 212 5.75 25.72 14.41
C GLY A 212 5.38 25.90 12.94
N MET A 213 5.40 24.82 12.17
CA MET A 213 5.02 24.90 10.77
C MET A 213 3.51 24.94 10.55
N GLY A 214 2.72 24.93 11.62
CA GLY A 214 1.29 25.04 11.44
C GLY A 214 0.63 23.72 11.13
N LYS A 215 -0.39 23.74 10.27
CA LYS A 215 -1.32 22.62 10.16
C LYS A 215 -0.87 21.54 9.20
N MET A 216 -0.96 20.29 9.64
CA MET A 216 -0.47 19.20 8.85
C MET A 216 -1.60 18.43 8.15
N ALA A 217 -1.57 18.40 6.83
CA ALA A 217 -2.44 17.50 6.12
C ALA A 217 -1.98 16.06 6.35
N VAL A 218 -0.66 15.83 6.22
CA VAL A 218 -0.01 14.55 6.51
C VAL A 218 1.17 14.78 7.48
N SER A 219 1.19 14.11 8.62
CA SER A 219 2.26 14.35 9.59
C SER A 219 3.64 13.73 9.22
N TRP A 220 4.65 14.01 10.03
CA TRP A 220 6.01 13.53 9.76
C TRP A 220 6.01 12.03 9.55
N HIS A 221 6.58 11.60 8.43
CA HIS A 221 6.70 10.18 8.13
C HIS A 221 7.83 9.94 7.12
N HIS A 222 8.20 8.68 6.92
CA HIS A 222 8.95 8.28 5.73
C HIS A 222 7.93 7.64 4.79
N ASP A 223 8.11 7.80 3.48
CA ASP A 223 7.42 6.95 2.53
C ASP A 223 8.02 5.54 2.64
N GLU A 224 7.21 4.57 3.02
CA GLU A 224 7.65 3.22 3.34
C GLU A 224 7.50 2.27 2.16
N ASN A 225 8.12 1.10 2.32
CA ASN A 225 8.00 -0.02 1.39
C ASN A 225 8.35 0.38 -0.04
N LEU A 226 9.43 1.15 -0.14
CA LEU A 226 9.95 1.58 -1.41
C LEU A 226 11.22 0.81 -1.61
N VAL A 227 11.66 0.74 -2.86
CA VAL A 227 12.93 0.12 -3.18
C VAL A 227 14.03 0.97 -2.55
N ASP A 228 15.01 0.27 -1.97
CA ASP A 228 16.13 0.89 -1.30
C ASP A 228 16.69 2.03 -2.14
N ARG A 229 16.80 3.20 -1.51
CA ARG A 229 17.40 4.38 -2.14
C ARG A 229 16.67 4.87 -3.38
N SER A 230 15.42 4.46 -3.53
CA SER A 230 14.64 4.90 -4.69
C SER A 230 14.15 6.33 -4.50
N ALA A 231 14.12 7.06 -5.61
CA ALA A 231 13.69 8.44 -5.63
C ALA A 231 12.19 8.47 -5.45
N VAL A 232 11.67 9.64 -5.12
CA VAL A 232 10.23 9.88 -5.09
C VAL A 232 9.97 11.21 -5.74
N ALA A 233 9.03 11.27 -6.66
CA ALA A 233 8.74 12.51 -7.36
C ALA A 233 7.33 12.95 -7.07
N VAL A 234 7.12 14.25 -6.89
CA VAL A 234 5.81 14.75 -6.52
C VAL A 234 5.38 15.88 -7.43
N TYR A 235 4.20 15.71 -8.03
CA TYR A 235 3.52 16.79 -8.74
C TYR A 235 2.52 17.43 -7.78
N SER A 236 2.61 18.74 -7.61
CA SER A 236 1.70 19.43 -6.69
C SER A 236 0.74 20.33 -7.45
N TYR A 237 -0.54 20.15 -7.18
CA TYR A 237 -1.58 20.93 -7.86
C TYR A 237 -2.52 21.58 -6.85
N SER A 238 -2.16 22.78 -6.40
CA SER A 238 -3.03 23.59 -5.58
C SER A 238 -4.07 24.21 -6.49
N CYS A 239 -5.32 24.22 -6.04
CA CYS A 239 -6.35 24.95 -6.75
C CYS A 239 -6.27 26.40 -6.27
N GLU A 240 -5.44 27.21 -6.92
CA GLU A 240 -5.21 28.58 -6.50
C GLU A 240 -6.41 29.47 -6.80
N LEU A 252 5.16 37.65 7.23
CA LEU A 252 5.92 37.75 8.49
C LEU A 252 5.82 36.47 9.31
N GLU A 253 6.78 36.29 10.22
CA GLU A 253 6.72 35.25 11.26
C GLU A 253 6.56 33.82 10.74
N GLY A 254 7.40 33.42 9.79
CA GLY A 254 7.40 32.05 9.33
C GLY A 254 6.54 31.77 8.11
N ARG A 255 6.08 30.52 7.99
CA ARG A 255 5.49 30.03 6.76
C ARG A 255 4.12 30.64 6.63
N ASP A 256 3.66 30.74 5.39
CA ASP A 256 2.38 31.36 5.09
C ASP A 256 1.26 30.32 5.22
N PRO A 257 0.30 30.56 6.14
CA PRO A 257 -0.74 29.57 6.42
C PRO A 257 -1.60 29.22 5.21
N ASP A 258 -1.82 30.17 4.30
CA ASP A 258 -2.69 29.97 3.15
C ASP A 258 -2.10 29.08 2.05
N ILE A 259 -0.78 28.85 2.10
CA ILE A 259 -0.11 28.19 0.99
C ILE A 259 0.39 26.81 1.41
N TRP A 260 0.17 25.82 0.56
CA TRP A 260 0.63 24.47 0.84
C TRP A 260 2.15 24.39 0.82
N HIS A 261 2.71 23.61 1.73
CA HIS A 261 4.16 23.39 1.77
C HIS A 261 4.38 21.93 1.98
N VAL A 262 5.62 21.50 1.74
CA VAL A 262 6.09 20.22 2.22
C VAL A 262 7.19 20.51 3.27
N GLY A 263 7.08 19.92 4.45
CA GLY A 263 8.08 20.08 5.48
C GLY A 263 9.15 19.00 5.41
N PHE A 264 10.37 19.35 5.82
CA PHE A 264 11.47 18.38 5.85
C PHE A 264 12.24 18.54 7.13
N LYS A 265 12.62 17.42 7.72
CA LYS A 265 13.49 17.42 8.88
C LYS A 265 14.44 16.24 8.79
N ILE A 266 15.50 16.29 9.58
CA ILE A 266 16.37 15.14 9.69
C ILE A 266 15.77 14.20 10.72
N SER A 267 15.91 12.91 10.47
CA SER A 267 15.44 11.89 11.39
C SER A 267 16.10 12.11 12.73
N TRP A 268 15.35 11.83 13.79
CA TRP A 268 15.84 11.91 15.15
C TRP A 268 16.16 13.34 15.62
N ASP A 269 16.01 14.32 14.74
CA ASP A 269 16.62 15.62 14.99
C ASP A 269 15.60 16.78 14.93
N ILE A 270 15.42 17.46 16.06
CA ILE A 270 14.56 18.65 16.09
C ILE A 270 15.30 19.93 16.51
N GLU A 271 16.62 19.85 16.68
CA GLU A 271 17.43 21.04 16.94
C GLU A 271 17.79 21.68 15.61
N THR A 272 18.19 20.90 14.62
CA THR A 272 18.42 21.44 13.29
C THR A 272 17.09 21.95 12.78
N PRO A 273 17.01 23.25 12.46
CA PRO A 273 15.72 23.74 11.97
C PRO A 273 15.21 23.01 10.72
N GLY A 274 13.90 22.84 10.64
CA GLY A 274 13.28 22.20 9.50
C GLY A 274 13.06 23.16 8.35
N LEU A 275 12.78 22.62 7.18
CA LEU A 275 12.67 23.39 5.96
C LEU A 275 11.24 23.25 5.51
N ALA A 276 10.59 24.37 5.29
CA ALA A 276 9.25 24.37 4.75
C ALA A 276 9.30 24.94 3.34
N ILE A 277 9.11 24.06 2.35
CA ILE A 277 9.10 24.46 0.95
C ILE A 277 7.68 24.82 0.50
N PRO A 278 7.47 26.08 0.09
CA PRO A 278 6.18 26.48 -0.51
C PRO A 278 5.91 25.76 -1.82
N LEU A 279 4.68 25.28 -1.97
CA LEU A 279 4.24 24.65 -3.21
C LEU A 279 3.12 25.42 -3.88
N HIS A 280 3.42 25.84 -5.10
CA HIS A 280 2.44 26.53 -5.91
C HIS A 280 1.98 25.58 -7.01
N GLN A 281 0.91 25.96 -7.69
CA GLN A 281 0.32 25.12 -8.71
C GLN A 281 1.36 24.60 -9.72
N GLY A 282 1.53 23.28 -9.75
CA GLY A 282 2.36 22.65 -10.76
C GLY A 282 3.82 22.53 -10.40
N ASP A 283 4.18 22.89 -9.17
CA ASP A 283 5.55 22.69 -8.72
C ASP A 283 5.76 21.21 -8.50
N CYS A 284 6.94 20.72 -8.90
CA CYS A 284 7.34 19.34 -8.64
C CYS A 284 8.58 19.31 -7.76
N TYR A 285 8.72 18.27 -6.97
CA TYR A 285 9.97 18.08 -6.24
C TYR A 285 10.34 16.61 -6.19
N PHE A 286 11.62 16.34 -5.99
CA PHE A 286 12.14 14.98 -6.05
C PHE A 286 12.92 14.71 -4.79
N MET A 287 12.63 13.58 -4.15
CA MET A 287 13.47 13.09 -3.10
C MET A 287 14.43 12.06 -3.70
N LEU A 288 15.72 12.34 -3.63
CA LEU A 288 16.70 11.52 -4.29
C LEU A 288 17.47 10.65 -3.32
N ASP A 289 17.80 9.43 -3.77
CA ASP A 289 18.75 8.57 -3.10
C ASP A 289 18.30 8.22 -1.69
N ASP A 290 19.12 8.49 -0.70
CA ASP A 290 18.77 8.13 0.68
C ASP A 290 17.98 9.23 1.43
N LEU A 291 17.55 10.29 0.76
CA LEU A 291 16.84 11.37 1.46
C LEU A 291 15.65 10.83 2.24
N ASN A 292 14.79 10.06 1.58
CA ASN A 292 13.60 9.50 2.20
C ASN A 292 13.93 8.60 3.39
N ALA A 293 15.17 8.19 3.51
CA ALA A 293 15.55 7.30 4.61
C ALA A 293 16.11 8.10 5.76
N THR A 294 16.89 9.12 5.44
CA THR A 294 17.59 9.90 6.45
C THR A 294 16.76 11.09 6.94
N HIS A 295 15.73 11.46 6.21
CA HIS A 295 14.93 12.61 6.56
C HIS A 295 13.50 12.17 6.65
N GLN A 296 12.68 12.96 7.34
CA GLN A 296 11.24 12.77 7.32
C GLN A 296 10.60 13.93 6.61
N HIS A 297 9.39 13.75 6.12
CA HIS A 297 8.70 14.85 5.52
C HIS A 297 7.27 14.82 6.00
N CYS A 298 6.63 15.99 5.94
CA CYS A 298 5.22 16.14 6.23
C CYS A 298 4.61 17.02 5.15
N VAL A 299 3.28 17.04 5.05
CA VAL A 299 2.62 17.97 4.14
C VAL A 299 1.82 18.99 4.94
N LEU A 300 2.18 20.26 4.81
CA LEU A 300 1.52 21.32 5.56
C LEU A 300 0.36 21.92 4.72
N ALA A 301 -0.85 21.82 5.25
CA ALA A 301 -2.04 22.32 4.54
C ALA A 301 -2.06 23.85 4.40
N GLY A 302 -2.46 24.32 3.22
CA GLY A 302 -2.80 25.71 2.99
C GLY A 302 -4.28 25.88 3.24
N SER A 303 -4.91 26.85 2.60
CA SER A 303 -6.33 27.09 2.82
C SER A 303 -7.21 26.64 1.65
N GLN A 304 -6.57 26.20 0.56
CA GLN A 304 -7.32 25.82 -0.63
C GLN A 304 -7.20 24.31 -0.92
N PRO A 305 -8.22 23.74 -1.58
CA PRO A 305 -8.12 22.34 -2.00
C PRO A 305 -6.81 22.11 -2.74
N ARG A 306 -6.21 20.94 -2.58
CA ARG A 306 -5.00 20.60 -3.32
C ARG A 306 -4.93 19.10 -3.62
N PHE A 307 -4.50 18.77 -4.84
CA PHE A 307 -4.13 17.40 -5.23
C PHE A 307 -2.61 17.24 -5.23
N SER A 308 -2.14 16.00 -5.15
CA SER A 308 -0.74 15.69 -5.42
C SER A 308 -0.62 14.33 -6.10
N SER A 309 0.38 14.18 -6.96
CA SER A 309 0.72 12.88 -7.52
C SER A 309 2.09 12.42 -7.03
N THR A 310 2.13 11.42 -6.16
CA THR A 310 3.39 11.02 -5.56
C THR A 310 3.89 9.69 -6.20
N HIS A 311 4.76 9.82 -7.19
CA HIS A 311 5.30 8.69 -7.94
C HIS A 311 6.44 8.02 -7.20
N ARG A 312 6.35 6.70 -7.12
CA ARG A 312 7.29 5.93 -6.36
C ARG A 312 7.62 4.57 -6.97
N VAL A 313 8.73 4.01 -6.51
CA VAL A 313 9.13 2.68 -6.88
C VAL A 313 8.83 1.74 -5.71
N ALA A 314 7.64 1.16 -5.74
CA ALA A 314 7.18 0.25 -4.69
C ALA A 314 7.95 -1.06 -4.74
N GLU A 315 8.38 -1.54 -3.57
CA GLU A 315 9.00 -2.84 -3.47
C GLU A 315 7.89 -3.90 -3.53
N CYS A 316 7.80 -4.60 -4.64
CA CYS A 316 6.66 -5.48 -4.92
C CYS A 316 7.06 -6.93 -5.18
N SER A 317 8.12 -7.39 -4.52
CA SER A 317 8.60 -8.73 -4.73
C SER A 317 7.60 -9.75 -4.19
N THR A 318 6.79 -9.33 -3.23
CA THR A 318 5.72 -10.19 -2.71
C THR A 318 4.38 -9.43 -2.83
N GLY A 319 4.31 -8.47 -3.75
CA GLY A 319 3.17 -7.59 -3.85
C GLY A 319 2.58 -7.41 -5.23
N THR A 320 2.65 -8.45 -6.06
CA THR A 320 1.97 -8.42 -7.35
C THR A 320 1.03 -9.59 -7.53
N LEU A 321 0.04 -9.40 -8.37
CA LEU A 321 -0.88 -10.50 -8.68
C LEU A 321 -0.09 -11.71 -9.19
N ASP A 322 0.75 -11.55 -10.22
CA ASP A 322 1.60 -12.66 -10.68
C ASP A 322 2.29 -13.39 -9.53
N TYR A 323 2.84 -12.65 -8.59
CA TYR A 323 3.57 -13.28 -7.51
C TYR A 323 2.62 -14.12 -6.68
N ILE A 324 1.45 -13.59 -6.36
CA ILE A 324 0.59 -14.32 -5.44
C ILE A 324 -0.09 -15.53 -6.12
N LEU A 325 -0.31 -15.47 -7.43
CA LEU A 325 -0.86 -16.63 -8.17
C LEU A 325 0.20 -17.72 -8.18
N GLN A 326 1.44 -17.36 -8.47
CA GLN A 326 2.53 -18.34 -8.46
C GLN A 326 2.62 -19.02 -7.10
N ARG A 327 2.55 -18.28 -6.00
CA ARG A 327 2.57 -18.93 -4.69
C ARG A 327 1.38 -19.89 -4.53
N CYS A 328 0.22 -19.50 -5.03
CA CYS A 328 -0.94 -20.37 -4.92
C CYS A 328 -0.73 -21.70 -5.65
N GLN A 329 -0.27 -21.64 -6.89
CA GLN A 329 0.04 -22.83 -7.66
C GLN A 329 1.00 -23.72 -6.87
N LEU A 330 2.03 -23.11 -6.30
CA LEU A 330 3.00 -23.85 -5.52
C LEU A 330 2.32 -24.65 -4.42
N ALA A 331 1.41 -24.01 -3.69
CA ALA A 331 0.72 -24.72 -2.63
C ALA A 331 -0.15 -25.86 -3.18
N LEU A 332 -0.78 -25.65 -4.32
CA LEU A 332 -1.71 -26.64 -4.86
C LEU A 332 -0.99 -27.79 -5.54
N GLN A 333 0.32 -27.66 -5.77
CA GLN A 333 1.15 -28.81 -6.17
C GLN A 333 1.03 -30.01 -5.23
N ASN A 334 0.80 -29.78 -3.94
CA ASN A 334 0.64 -30.88 -3.01
C ASN A 334 -0.76 -31.50 -3.10
N VAL A 335 -1.56 -31.04 -4.07
CA VAL A 335 -2.94 -31.52 -4.20
C VAL A 335 -3.15 -32.27 -5.52
N CYS A 336 -3.67 -33.48 -5.42
CA CYS A 336 -4.14 -34.22 -6.59
C CYS A 336 -5.18 -33.38 -7.31
N ASP A 337 -4.88 -33.03 -8.56
CA ASP A 337 -5.67 -32.05 -9.30
C ASP A 337 -6.35 -32.65 -10.53
N ASP A 338 -6.68 -33.93 -10.49
CA ASP A 338 -7.45 -34.51 -11.60
C ASP A 338 -8.76 -33.77 -11.81
N VAL A 339 -9.42 -33.43 -10.72
CA VAL A 339 -10.73 -32.82 -10.80
C VAL A 339 -10.95 -31.88 -9.62
N ASP A 340 -11.77 -30.85 -9.83
CA ASP A 340 -12.12 -29.86 -8.80
C ASP A 340 -13.39 -30.27 -8.05
N ASN A 341 -13.21 -30.78 -6.83
CA ASN A 341 -14.32 -31.20 -5.99
C ASN A 341 -13.92 -31.15 -4.51
N ASP A 342 -14.80 -31.63 -3.64
CA ASP A 342 -14.55 -31.54 -2.19
C ASP A 342 -13.74 -32.71 -1.63
N ASP A 343 -13.42 -33.71 -2.44
CA ASP A 343 -12.58 -34.81 -1.99
C ASP A 343 -11.11 -34.48 -2.20
N VAL A 344 -10.60 -33.51 -1.43
CA VAL A 344 -9.22 -33.06 -1.53
C VAL A 344 -8.26 -34.05 -0.90
N SER A 345 -7.30 -34.55 -1.67
CA SER A 345 -6.35 -35.54 -1.16
C SER A 345 -4.95 -35.10 -1.53
N LEU A 346 -4.05 -35.16 -0.55
CA LEU A 346 -2.72 -34.58 -0.69
C LEU A 346 -1.67 -35.61 -1.07
N LYS A 347 -0.68 -35.16 -1.84
CA LYS A 347 0.35 -36.05 -2.37
C LYS A 347 1.40 -36.36 -1.31
N SER A 348 1.59 -35.44 -0.37
CA SER A 348 2.59 -35.63 0.65
C SER A 348 2.14 -35.08 1.99
N PHE A 349 2.67 -35.67 3.05
CA PHE A 349 2.47 -35.15 4.39
C PHE A 349 3.82 -34.88 5.03
N GLU A 350 4.82 -34.60 4.20
CA GLU A 350 6.12 -34.18 4.69
C GLU A 350 5.99 -32.80 5.36
N PRO A 351 6.48 -32.68 6.60
CA PRO A 351 6.35 -31.41 7.35
C PRO A 351 6.60 -30.17 6.50
N ALA A 352 7.76 -30.08 5.86
CA ALA A 352 8.11 -28.88 5.11
C ALA A 352 7.07 -28.45 4.07
N VAL A 353 6.48 -29.41 3.37
CA VAL A 353 5.49 -29.13 2.34
C VAL A 353 4.16 -28.64 2.95
N LEU A 354 3.81 -29.20 4.11
CA LEU A 354 2.61 -28.78 4.82
C LEU A 354 2.74 -27.39 5.44
N LYS A 355 3.92 -27.06 5.95
CA LYS A 355 4.16 -25.79 6.58
C LYS A 355 4.03 -24.76 5.47
N GLN A 356 4.77 -24.98 4.40
CA GLN A 356 4.70 -24.08 3.26
C GLN A 356 3.24 -23.89 2.82
N GLY A 357 2.46 -24.96 2.80
CA GLY A 357 1.10 -24.87 2.35
C GLY A 357 0.24 -23.94 3.18
N GLU A 358 0.29 -24.15 4.48
CA GLU A 358 -0.49 -23.36 5.40
C GLU A 358 -0.01 -21.90 5.44
N GLU A 359 1.26 -21.68 5.15
CA GLU A 359 1.80 -20.33 5.11
C GLU A 359 1.24 -19.57 3.90
N ILE A 360 1.21 -20.24 2.74
CA ILE A 360 0.68 -19.63 1.52
C ILE A 360 -0.83 -19.37 1.68
N HIS A 361 -1.53 -20.28 2.34
CA HIS A 361 -2.95 -20.13 2.70
C HIS A 361 -3.14 -18.83 3.50
N ASN A 362 -2.30 -18.64 4.51
CA ASN A 362 -2.38 -17.42 5.29
C ASN A 362 -2.05 -16.19 4.46
N GLU A 363 -1.11 -16.32 3.53
CA GLU A 363 -0.68 -15.15 2.75
C GLU A 363 -1.82 -14.64 1.87
N VAL A 364 -2.42 -15.55 1.11
CA VAL A 364 -3.50 -15.21 0.18
C VAL A 364 -4.71 -14.74 0.93
N GLU A 365 -5.03 -15.37 2.05
CA GLU A 365 -6.18 -14.92 2.82
C GLU A 365 -6.02 -13.50 3.34
N PHE A 366 -4.91 -13.21 4.01
CA PHE A 366 -4.81 -11.99 4.83
C PHE A 366 -4.12 -10.79 4.16
N GLU A 367 -3.12 -11.05 3.33
CA GLU A 367 -2.43 -9.98 2.63
C GLU A 367 -3.12 -9.70 1.34
N TRP A 368 -4.00 -10.60 0.92
CA TRP A 368 -4.68 -10.40 -0.35
C TRP A 368 -6.23 -10.25 -0.22
N LEU A 369 -6.95 -11.32 0.11
CA LEU A 369 -8.41 -11.27 0.15
C LEU A 369 -8.95 -10.31 1.21
N ARG A 370 -8.50 -10.44 2.45
CA ARG A 370 -9.03 -9.59 3.53
C ARG A 370 -8.67 -8.10 3.30
N GLN A 371 -7.48 -7.86 2.76
CA GLN A 371 -7.04 -6.51 2.41
C GLN A 371 -7.93 -5.91 1.34
N PHE A 372 -8.13 -6.65 0.26
CA PHE A 372 -8.96 -6.16 -0.85
C PHE A 372 -10.41 -5.88 -0.43
N TRP A 373 -11.00 -6.77 0.35
CA TRP A 373 -12.40 -6.65 0.70
C TRP A 373 -12.62 -5.72 1.88
N PHE A 374 -11.58 -5.45 2.65
CA PHE A 374 -11.69 -4.47 3.74
C PHE A 374 -11.98 -3.09 3.18
N GLN A 375 -11.58 -2.85 1.93
CA GLN A 375 -11.85 -1.59 1.25
C GLN A 375 -13.09 -1.71 0.37
N GLY A 376 -13.60 -2.94 0.23
CA GLY A 376 -14.52 -3.27 -0.83
C GLY A 376 -15.80 -2.49 -0.73
N ASN A 377 -16.49 -2.31 -1.86
CA ASN A 377 -16.02 -2.77 -3.16
C ASN A 377 -15.65 -1.55 -4.00
N ARG A 378 -14.89 -0.64 -3.40
CA ARG A 378 -14.70 0.69 -3.97
C ARG A 378 -13.82 0.70 -5.22
N TYR A 379 -12.98 -0.31 -5.37
CA TYR A 379 -12.20 -0.47 -6.59
C TYR A 379 -13.11 -0.54 -7.81
N ARG A 380 -14.18 -1.34 -7.70
CA ARG A 380 -15.16 -1.52 -8.77
C ARG A 380 -15.65 -0.19 -9.34
N LYS A 381 -15.51 0.87 -8.56
CA LYS A 381 -15.98 2.20 -8.96
C LYS A 381 -15.12 2.78 -10.09
N CYS A 382 -13.82 2.50 -10.01
CA CYS A 382 -12.85 3.01 -10.99
C CYS A 382 -12.52 1.96 -12.07
N THR A 383 -12.41 0.70 -11.68
CA THR A 383 -12.06 -0.37 -12.62
C THR A 383 -12.67 -1.68 -12.15
N ASP A 384 -12.73 -2.67 -13.03
CA ASP A 384 -13.06 -4.03 -12.60
C ASP A 384 -11.87 -4.97 -12.82
N TRP A 385 -10.67 -4.40 -12.89
CA TRP A 385 -9.51 -5.15 -13.32
C TRP A 385 -9.28 -6.28 -12.34
N TRP A 386 -9.51 -5.98 -11.06
CA TRP A 386 -9.29 -6.92 -9.95
C TRP A 386 -10.47 -7.86 -9.67
N CYS A 387 -11.57 -7.76 -10.42
CA CYS A 387 -12.74 -8.58 -10.16
C CYS A 387 -12.47 -10.07 -10.34
N GLN A 388 -11.95 -10.42 -11.51
CA GLN A 388 -11.71 -11.83 -11.81
C GLN A 388 -10.53 -12.28 -10.96
N PRO A 389 -9.44 -11.49 -10.95
CA PRO A 389 -8.28 -11.93 -10.17
C PRO A 389 -8.66 -12.24 -8.72
N MET A 390 -9.56 -11.46 -8.14
CA MET A 390 -9.96 -11.70 -6.75
C MET A 390 -10.89 -12.91 -6.61
N ALA A 391 -11.75 -13.14 -7.60
CA ALA A 391 -12.55 -14.36 -7.60
C ALA A 391 -11.65 -15.60 -7.63
N GLN A 392 -10.59 -15.51 -8.41
CA GLN A 392 -9.74 -16.65 -8.66
C GLN A 392 -8.89 -16.94 -7.42
N LEU A 393 -8.39 -15.88 -6.79
CA LEU A 393 -7.67 -16.06 -5.55
C LEU A 393 -8.61 -16.59 -4.48
N GLU A 394 -9.89 -16.23 -4.56
CA GLU A 394 -10.84 -16.77 -3.58
C GLU A 394 -11.08 -18.25 -3.79
N ALA A 395 -11.10 -18.69 -5.04
CA ALA A 395 -11.33 -20.13 -5.35
C ALA A 395 -10.11 -20.97 -4.94
N LEU A 396 -8.92 -20.43 -5.17
CA LEU A 396 -7.68 -21.08 -4.78
C LEU A 396 -7.63 -21.21 -3.28
N TRP A 397 -8.04 -20.15 -2.59
CA TRP A 397 -8.02 -20.16 -1.14
C TRP A 397 -9.07 -21.18 -0.61
N LYS A 398 -10.21 -21.26 -1.28
CA LYS A 398 -11.22 -22.26 -0.91
C LYS A 398 -10.61 -23.66 -0.94
N LYS A 399 -9.95 -24.01 -2.04
CA LYS A 399 -9.23 -25.27 -2.15
C LYS A 399 -8.31 -25.45 -0.94
N MET A 400 -7.59 -24.38 -0.58
CA MET A 400 -6.67 -24.46 0.55
C MET A 400 -7.37 -24.70 1.88
N GLU A 401 -8.60 -24.20 2.05
CA GLU A 401 -9.36 -24.55 3.24
C GLU A 401 -9.47 -26.08 3.19
N GLY A 402 -9.72 -26.57 1.98
CA GLY A 402 -9.77 -28.00 1.74
C GLY A 402 -8.48 -28.72 2.12
N VAL A 403 -7.33 -28.17 1.74
CA VAL A 403 -6.05 -28.80 2.07
C VAL A 403 -5.90 -28.91 3.59
N THR A 404 -6.00 -27.78 4.28
CA THR A 404 -5.99 -27.78 5.74
C THR A 404 -6.89 -28.89 6.28
N ASN A 405 -8.07 -29.06 5.71
CA ASN A 405 -8.99 -30.10 6.19
C ASN A 405 -8.43 -31.51 5.96
N ALA A 406 -7.77 -31.74 4.83
CA ALA A 406 -7.10 -33.02 4.61
C ALA A 406 -6.03 -33.24 5.69
N VAL A 407 -5.29 -32.18 6.02
CA VAL A 407 -4.20 -32.32 6.98
C VAL A 407 -4.76 -32.69 8.35
N LEU A 408 -5.84 -32.03 8.77
CA LEU A 408 -6.44 -32.34 10.06
C LEU A 408 -6.95 -33.78 10.08
N HIS A 409 -7.53 -34.23 8.98
CA HIS A 409 -8.04 -35.59 8.91
CA HIS A 409 -8.04 -35.59 8.88
C HIS A 409 -6.87 -36.55 9.03
N GLU A 410 -5.74 -36.19 8.44
CA GLU A 410 -4.57 -37.05 8.47
C GLU A 410 -3.96 -37.17 9.87
N VAL A 411 -3.89 -36.05 10.60
CA VAL A 411 -3.36 -36.09 11.96
C VAL A 411 -4.29 -36.82 12.91
N LYS A 412 -5.60 -36.78 12.65
CA LYS A 412 -6.57 -37.49 13.48
C LYS A 412 -6.91 -38.84 12.85
N ARG A 413 -5.87 -39.63 12.58
CA ARG A 413 -6.05 -40.89 11.86
C ARG A 413 -5.40 -42.07 12.58
N GLU A 414 -6.04 -43.23 12.42
CA GLU A 414 -5.70 -44.45 13.15
C GLU A 414 -4.25 -44.91 12.97
N GLY A 415 -3.90 -45.37 11.78
CA GLY A 415 -2.57 -45.91 11.54
C GLY A 415 -1.50 -44.86 11.27
N LEU A 416 -1.23 -44.00 12.25
CA LEU A 416 -0.19 -42.98 12.10
C LEU A 416 0.61 -42.85 13.38
N PRO A 417 1.89 -43.24 13.34
CA PRO A 417 2.71 -43.22 14.57
C PRO A 417 2.87 -41.81 15.13
N VAL A 418 2.56 -41.67 16.42
CA VAL A 418 2.55 -40.38 17.09
C VAL A 418 3.75 -39.50 16.75
N GLU A 419 4.84 -40.11 16.30
CA GLU A 419 6.05 -39.36 15.98
C GLU A 419 5.84 -38.53 14.72
N GLN A 420 5.34 -39.18 13.67
CA GLN A 420 5.05 -38.46 12.43
C GLN A 420 3.96 -37.43 12.67
N ARG A 421 3.00 -37.79 13.51
CA ARG A 421 1.90 -36.90 13.85
C ARG A 421 2.43 -35.62 14.48
N ASN A 422 3.30 -35.76 15.47
CA ASN A 422 3.84 -34.62 16.17
C ASN A 422 4.73 -33.79 15.25
N GLU A 423 5.37 -34.45 14.29
CA GLU A 423 6.13 -33.74 13.28
C GLU A 423 5.20 -32.76 12.55
N ILE A 424 4.07 -33.29 12.09
CA ILE A 424 3.08 -32.49 11.36
C ILE A 424 2.56 -31.30 12.18
N LEU A 425 2.17 -31.56 13.43
CA LEU A 425 1.64 -30.53 14.30
C LEU A 425 2.64 -29.39 14.46
N THR A 426 3.85 -29.71 14.87
CA THR A 426 4.90 -28.69 14.97
C THR A 426 5.10 -27.94 13.65
N ALA A 427 4.90 -28.61 12.52
CA ALA A 427 5.04 -27.94 11.22
C ALA A 427 3.90 -26.98 10.83
N ILE A 428 2.67 -27.24 11.27
CA ILE A 428 1.53 -26.39 10.92
C ILE A 428 0.98 -25.49 12.05
N LEU A 429 1.37 -25.76 13.28
CA LEU A 429 0.70 -25.14 14.41
C LEU A 429 0.86 -23.61 14.41
N ALA A 430 2.08 -23.14 14.23
CA ALA A 430 2.32 -21.71 14.15
C ALA A 430 1.39 -21.05 13.13
N SER A 431 1.22 -21.68 11.97
CA SER A 431 0.37 -21.14 10.90
C SER A 431 -1.11 -21.07 11.28
N LEU A 432 -1.64 -22.12 11.89
CA LEU A 432 -3.03 -22.08 12.32
C LEU A 432 -3.28 -21.08 13.46
N THR A 433 -2.31 -20.87 14.34
CA THR A 433 -2.55 -19.93 15.45
C THR A 433 -2.53 -18.52 14.87
N ALA A 434 -1.63 -18.28 13.92
CA ALA A 434 -1.58 -17.00 13.25
C ALA A 434 -2.84 -16.78 12.46
N ARG A 435 -3.42 -17.85 11.92
CA ARG A 435 -4.65 -17.72 11.15
C ARG A 435 -5.81 -17.29 12.03
N GLN A 436 -5.93 -17.91 13.21
CA GLN A 436 -6.98 -17.56 14.16
C GLN A 436 -6.85 -16.13 14.70
N ASN A 437 -5.63 -15.74 15.04
CA ASN A 437 -5.39 -14.43 15.59
C ASN A 437 -5.68 -13.37 14.54
N LEU A 438 -5.26 -13.64 13.29
CA LEU A 438 -5.44 -12.66 12.24
C LEU A 438 -6.92 -12.55 11.84
N ARG A 439 -7.67 -13.64 11.99
CA ARG A 439 -9.11 -13.58 11.72
C ARG A 439 -9.84 -12.76 12.77
N ARG A 440 -9.49 -12.94 14.03
CA ARG A 440 -10.12 -12.13 15.05
C ARG A 440 -9.83 -10.67 14.75
N GLU A 441 -8.58 -10.36 14.44
CA GLU A 441 -8.14 -9.01 14.16
C GLU A 441 -8.92 -8.38 13.00
N TRP A 442 -9.10 -9.12 11.92
CA TRP A 442 -9.81 -8.60 10.75
C TRP A 442 -11.32 -8.46 10.95
N HIS A 443 -11.91 -9.35 11.73
CA HIS A 443 -13.35 -9.32 11.98
C HIS A 443 -13.64 -8.08 12.78
N ALA A 444 -12.89 -7.91 13.86
CA ALA A 444 -13.03 -6.77 14.75
C ALA A 444 -12.77 -5.48 13.98
N ARG A 445 -11.71 -5.48 13.17
CA ARG A 445 -11.30 -4.31 12.42
C ARG A 445 -12.42 -3.96 11.44
N CYS A 446 -13.13 -4.98 10.97
CA CYS A 446 -14.27 -4.79 10.08
C CYS A 446 -15.48 -4.22 10.79
N GLN A 447 -15.50 -4.33 12.12
CA GLN A 447 -16.65 -3.88 12.89
C GLN A 447 -16.40 -2.65 13.77
N SER A 448 -15.24 -2.01 13.64
CA SER A 448 -14.93 -0.85 14.48
C SER A 448 -16.08 0.14 14.36
N ARG A 449 -16.37 0.83 15.45
CA ARG A 449 -17.45 1.82 15.45
C ARG A 449 -17.27 2.76 14.26
N ILE A 450 -16.03 3.03 13.89
CA ILE A 450 -15.76 3.96 12.80
C ILE A 450 -15.84 3.29 11.43
N ALA A 451 -15.50 2.01 11.37
CA ALA A 451 -15.70 1.25 10.14
C ALA A 451 -17.17 1.28 9.73
N ARG A 452 -18.06 1.03 10.69
CA ARG A 452 -19.49 1.00 10.43
C ARG A 452 -20.08 2.41 10.38
N THR A 453 -19.35 3.35 9.79
CA THR A 453 -19.73 4.77 9.84
C THR A 453 -19.68 5.44 8.48
N LEU A 454 -18.71 5.04 7.67
CA LEU A 454 -18.56 5.58 6.32
C LEU A 454 -19.57 4.96 5.37
N PRO A 455 -19.63 5.46 4.12
CA PRO A 455 -20.68 5.05 3.18
C PRO A 455 -20.69 3.55 2.91
N ALA A 456 -21.88 3.03 2.60
CA ALA A 456 -22.01 1.64 2.17
C ALA A 456 -21.17 1.46 0.90
N ASP A 457 -20.96 2.55 0.18
CA ASP A 457 -20.11 2.57 -1.00
C ASP A 457 -18.70 2.04 -0.70
N GLN A 458 -18.26 2.16 0.55
CA GLN A 458 -16.94 1.67 0.93
C GLN A 458 -16.93 1.04 2.32
N LYS A 459 -18.08 0.59 2.80
CA LYS A 459 -18.12 -0.15 4.06
C LYS A 459 -17.20 -1.38 3.96
N PRO A 460 -16.32 -1.58 4.96
CA PRO A 460 -15.58 -2.83 4.91
C PRO A 460 -16.49 -4.06 4.82
N GLU A 461 -16.11 -5.04 4.01
CA GLU A 461 -16.74 -6.34 4.03
C GLU A 461 -15.75 -7.36 4.58
N CYS A 462 -16.19 -8.10 5.60
CA CYS A 462 -15.40 -9.19 6.13
C CYS A 462 -15.58 -10.40 5.22
N ARG A 463 -14.65 -10.59 4.30
CA ARG A 463 -14.74 -11.64 3.29
C ARG A 463 -13.37 -12.29 3.08
N PRO A 464 -13.33 -13.63 3.00
CA PRO A 464 -14.46 -14.55 3.08
C PRO A 464 -14.99 -14.69 4.50
N TYR A 465 -16.30 -14.93 4.63
CA TYR A 465 -16.92 -15.16 5.92
C TYR A 465 -18.12 -16.09 5.79
N TRP A 466 -18.15 -17.13 6.63
CA TRP A 466 -19.21 -18.14 6.59
C TRP A 466 -19.62 -18.52 8.00
N GLU A 467 -20.88 -18.91 8.15
CA GLU A 467 -21.40 -19.25 9.46
C GLU A 467 -21.10 -20.70 9.79
N LYS A 468 -21.17 -21.05 11.07
CA LYS A 468 -20.89 -22.41 11.51
C LYS A 468 -21.79 -23.40 10.77
N ASP A 469 -22.96 -22.92 10.35
CA ASP A 469 -23.93 -23.78 9.69
C ASP A 469 -23.70 -23.84 8.18
N ASP A 470 -22.54 -23.39 7.72
CA ASP A 470 -22.31 -23.23 6.29
C ASP A 470 -21.69 -24.49 5.69
N ALA A 471 -22.56 -25.33 5.13
CA ALA A 471 -22.20 -26.67 4.66
C ALA A 471 -21.19 -26.66 3.51
N SER A 472 -21.10 -25.55 2.79
CA SER A 472 -20.16 -25.47 1.66
C SER A 472 -18.70 -25.43 2.11
N MET A 473 -18.45 -25.11 3.37
CA MET A 473 -17.07 -24.91 3.83
C MET A 473 -16.64 -26.03 4.78
N PRO A 474 -15.48 -26.64 4.49
CA PRO A 474 -15.02 -27.81 5.25
C PRO A 474 -14.63 -27.56 6.71
N LEU A 475 -14.23 -26.34 7.07
CA LEU A 475 -13.74 -26.03 8.40
C LEU A 475 -14.41 -24.77 8.96
N PRO A 476 -14.55 -24.68 10.28
CA PRO A 476 -15.18 -23.45 10.81
C PRO A 476 -14.34 -22.22 10.54
N PHE A 477 -14.96 -21.04 10.55
CA PHE A 477 -14.23 -19.76 10.51
C PHE A 477 -13.43 -19.55 11.80
N ASP A 478 -14.00 -19.99 12.91
CA ASP A 478 -13.36 -19.88 14.22
C ASP A 478 -12.53 -21.10 14.55
N LEU A 479 -11.21 -20.96 14.47
CA LEU A 479 -10.28 -22.09 14.69
C LEU A 479 -9.90 -22.37 16.16
N THR A 480 -10.51 -21.65 17.09
CA THR A 480 -10.11 -21.78 18.48
C THR A 480 -10.10 -23.25 18.94
N ASP A 481 -11.23 -23.93 18.83
CA ASP A 481 -11.32 -25.34 19.27
C ASP A 481 -10.25 -26.23 18.64
N ILE A 482 -10.08 -26.10 17.32
CA ILE A 482 -9.10 -26.92 16.60
C ILE A 482 -7.68 -26.71 17.13
N VAL A 483 -7.27 -25.44 17.21
CA VAL A 483 -5.94 -25.10 17.71
C VAL A 483 -5.74 -25.61 19.14
N SER A 484 -6.79 -25.55 19.95
CA SER A 484 -6.72 -26.05 21.30
C SER A 484 -6.34 -27.53 21.28
N GLU A 485 -7.08 -28.32 20.50
CA GLU A 485 -6.87 -29.76 20.46
C GLU A 485 -5.50 -30.16 19.91
N LEU A 486 -5.01 -29.41 18.93
CA LEU A 486 -3.68 -29.68 18.40
C LEU A 486 -2.59 -29.45 19.45
N ARG A 487 -2.59 -28.29 20.10
CA ARG A 487 -1.67 -28.03 21.21
C ARG A 487 -1.69 -29.16 22.22
N GLY A 488 -2.89 -29.54 22.64
CA GLY A 488 -3.05 -30.59 23.61
C GLY A 488 -2.34 -31.84 23.14
N GLN A 489 -2.51 -32.14 21.86
CA GLN A 489 -1.94 -33.36 21.32
C GLN A 489 -0.41 -33.35 21.40
N LEU A 490 0.20 -32.25 20.97
CA LEU A 490 1.65 -32.13 21.00
C LEU A 490 2.22 -32.19 22.41
N LEU A 491 1.35 -32.11 23.42
CA LEU A 491 1.78 -32.24 24.81
C LEU A 491 1.15 -33.46 25.48
N GLU A 492 1.60 -34.64 25.07
CA GLU A 492 1.07 -35.89 25.63
C GLU A 492 2.19 -36.83 26.05
N ALA A 493 1.88 -37.76 26.95
CA ALA A 493 2.88 -38.69 27.47
#